data_1C3S
#
_entry.id   1C3S
#
_cell.length_a   51.495
_cell.length_b   94.155
_cell.length_c   78.977
_cell.angle_alpha   90
_cell.angle_beta   97.024
_cell.angle_gamma   90
#
_symmetry.space_group_name_H-M   'C 1 2 1'
#
loop_
_entity.id
_entity.type
_entity.pdbx_description
1 polymer 'HDLP (HISTONE DEACETYLASE-LIKE PROTEIN)'
2 non-polymer 'ZINC ION'
3 non-polymer 'OCTANEDIOIC ACID HYDROXYAMIDE PHENYLAMIDE'
4 water water
#
_entity_poly.entity_id   1
_entity_poly.type   'polypeptide(L)'
_entity_poly.pdbx_seq_one_letter_code
;MKKVKLIGTLDYGKYRYPKNHPLKIPRVSLLLRFKDAMNLIDEKELIKSRPATKEELLLFHTEDYINTLMEAERSQSVPK
GAREKYNIGGYENPVSYAMFTGSSLATGSTVQAIEEFLKGNVAFNPAGGMHHAFKSRANGFCYINNPAVGIEYLRKKGFK
RILYIDLDAHHCDGVQEAFYDTDQVFVLSLHQSPEYAFPFEKGFLEEIGEGKGKGYNLNIPLPKGLNDNEFLFALEKSLE
IVKEVFEPEVYLLQLGTDPLLEDYLSKFNLSNVAFLKAFNIVREVFGEGVYLGGGGYHPYALARAWTLIWCELSGREVPE
KLNNKAKELLKSIDFEEFDDEVDRSYMLETLKDPWRGGEVRKEVKDTLEKAKASS
;
_entity_poly.pdbx_strand_id   A
#
loop_
_chem_comp.id
_chem_comp.type
_chem_comp.name
_chem_comp.formula
SHH non-polymer 'OCTANEDIOIC ACID HYDROXYAMIDE PHENYLAMIDE' 'C14 H20 N2 O3'
ZN non-polymer 'ZINC ION' 'Zn 2'
#
# COMPACT_ATOMS: atom_id res chain seq x y z
N LYS A 2 1.16 7.86 -24.39
CA LYS A 2 1.20 7.61 -22.93
C LYS A 2 -0.21 7.53 -22.34
N LYS A 3 -0.64 6.33 -21.97
CA LYS A 3 -1.96 6.13 -21.38
C LYS A 3 -1.84 6.02 -19.88
N VAL A 4 -2.95 6.27 -19.20
CA VAL A 4 -3.01 6.19 -17.74
C VAL A 4 -3.98 5.05 -17.47
N LYS A 5 -3.50 3.96 -16.88
CA LYS A 5 -4.36 2.82 -16.63
C LYS A 5 -4.58 2.48 -15.18
N LEU A 6 -5.76 1.99 -14.87
CA LEU A 6 -6.06 1.57 -13.51
C LEU A 6 -6.22 0.07 -13.62
N ILE A 7 -5.50 -0.68 -12.79
CA ILE A 7 -5.62 -2.12 -12.84
C ILE A 7 -6.57 -2.64 -11.79
N GLY A 8 -7.63 -3.32 -12.20
CA GLY A 8 -8.57 -3.82 -11.23
C GLY A 8 -9.68 -4.69 -11.76
N THR A 9 -10.58 -5.07 -10.85
CA THR A 9 -11.73 -5.92 -11.15
C THR A 9 -12.69 -5.90 -9.97
N LEU A 10 -13.97 -6.16 -10.22
CA LEU A 10 -14.96 -6.18 -9.14
C LEU A 10 -14.94 -7.55 -8.47
N ASP A 11 -14.11 -8.46 -8.95
CA ASP A 11 -14.05 -9.77 -8.37
C ASP A 11 -13.40 -9.82 -6.99
N TYR A 12 -12.54 -8.85 -6.69
CA TYR A 12 -11.93 -8.84 -5.38
C TYR A 12 -13.07 -8.92 -4.37
N GLY A 13 -14.14 -8.19 -4.64
CA GLY A 13 -15.29 -8.15 -3.76
C GLY A 13 -15.82 -9.50 -3.30
N LYS A 14 -15.40 -10.56 -3.98
CA LYS A 14 -15.82 -11.91 -3.62
C LYS A 14 -14.75 -12.63 -2.79
N TYR A 15 -13.62 -11.98 -2.60
CA TYR A 15 -12.52 -12.55 -1.84
C TYR A 15 -12.21 -11.66 -0.63
N ARG A 16 -13.23 -11.41 0.19
CA ARG A 16 -13.04 -10.57 1.36
C ARG A 16 -12.59 -11.43 2.53
N TYR A 17 -12.07 -10.78 3.56
CA TYR A 17 -11.65 -11.50 4.74
C TYR A 17 -12.93 -11.64 5.58
N PRO A 18 -12.93 -12.56 6.56
CA PRO A 18 -14.08 -12.81 7.44
C PRO A 18 -14.59 -11.61 8.23
N LYS A 19 -15.91 -11.58 8.44
CA LYS A 19 -16.63 -10.51 9.16
C LYS A 19 -15.81 -9.76 10.20
N ASN A 20 -15.27 -10.51 11.14
CA ASN A 20 -14.47 -9.97 12.24
C ASN A 20 -13.11 -9.41 11.82
N HIS A 21 -12.87 -9.30 10.52
CA HIS A 21 -11.58 -8.82 10.01
C HIS A 21 -11.62 -7.44 9.37
N PRO A 22 -10.62 -6.59 9.65
CA PRO A 22 -10.62 -5.25 9.05
C PRO A 22 -10.85 -5.28 7.52
N LEU A 23 -10.27 -6.28 6.86
CA LEU A 23 -10.38 -6.44 5.42
C LEU A 23 -11.64 -7.16 4.95
N LYS A 24 -12.65 -7.16 5.81
CA LYS A 24 -13.93 -7.77 5.51
C LYS A 24 -14.71 -6.92 4.48
N ILE A 25 -14.44 -5.61 4.50
CA ILE A 25 -15.08 -4.63 3.62
C ILE A 25 -14.58 -4.67 2.19
N PRO A 26 -15.34 -4.03 1.26
CA PRO A 26 -15.01 -3.92 -0.17
C PRO A 26 -13.94 -2.84 -0.21
N ARG A 27 -12.97 -2.96 -1.12
CA ARG A 27 -11.92 -1.96 -1.17
C ARG A 27 -11.58 -1.49 -2.59
N VAL A 28 -11.06 -2.39 -3.40
CA VAL A 28 -10.72 -2.05 -4.77
C VAL A 28 -11.98 -2.18 -5.64
N SER A 29 -12.85 -3.12 -5.27
CA SER A 29 -14.10 -3.32 -5.99
C SER A 29 -14.95 -2.10 -5.70
N LEU A 30 -14.76 -1.55 -4.52
CA LEU A 30 -15.49 -0.37 -4.08
C LEU A 30 -14.95 0.88 -4.76
N LEU A 31 -13.65 0.92 -5.00
CA LEU A 31 -13.06 2.06 -5.67
C LEU A 31 -13.66 2.17 -7.08
N LEU A 32 -13.66 1.05 -7.80
CA LEU A 32 -14.20 1.01 -9.15
C LEU A 32 -15.67 1.42 -9.22
N ARG A 33 -16.51 0.89 -8.34
CA ARG A 33 -17.91 1.26 -8.33
C ARG A 33 -18.07 2.74 -8.07
N PHE A 34 -17.20 3.26 -7.22
CA PHE A 34 -17.19 4.66 -6.80
C PHE A 34 -16.89 5.63 -7.94
N LYS A 35 -15.73 5.47 -8.57
CA LYS A 35 -15.36 6.33 -9.67
C LYS A 35 -16.30 6.20 -10.86
N ASP A 36 -16.95 5.05 -10.97
CA ASP A 36 -17.90 4.86 -12.05
C ASP A 36 -19.14 5.68 -11.72
N ALA A 37 -19.46 5.78 -10.44
CA ALA A 37 -20.60 6.56 -9.99
C ALA A 37 -20.29 8.06 -10.11
N MET A 38 -19.01 8.43 -9.96
CA MET A 38 -18.58 9.81 -10.06
C MET A 38 -18.28 10.13 -11.52
N ASN A 39 -18.38 9.12 -12.37
CA ASN A 39 -18.06 9.26 -13.79
C ASN A 39 -16.63 9.82 -13.91
N LEU A 40 -15.66 9.13 -13.31
CA LEU A 40 -14.25 9.55 -13.33
C LEU A 40 -13.31 8.46 -13.87
N ILE A 41 -13.90 7.48 -14.55
CA ILE A 41 -13.14 6.39 -15.12
C ILE A 41 -13.91 5.87 -16.33
N ASP A 42 -13.18 5.48 -17.36
CA ASP A 42 -13.78 4.94 -18.58
C ASP A 42 -13.20 3.56 -18.81
N GLU A 43 -13.90 2.74 -19.59
CA GLU A 43 -13.46 1.37 -19.88
C GLU A 43 -12.06 1.27 -20.47
N LYS A 44 -11.75 2.17 -21.39
CA LYS A 44 -10.45 2.15 -22.05
C LYS A 44 -9.28 2.41 -21.13
N GLU A 45 -9.57 2.80 -19.88
CA GLU A 45 -8.53 3.10 -18.90
C GLU A 45 -8.35 2.01 -17.86
N LEU A 46 -9.28 1.08 -17.84
CA LEU A 46 -9.25 -0.02 -16.89
C LEU A 46 -8.63 -1.26 -17.52
N ILE A 47 -7.82 -1.96 -16.73
CA ILE A 47 -7.18 -3.20 -17.17
C ILE A 47 -7.69 -4.26 -16.20
N LYS A 48 -8.17 -5.38 -16.74
CA LYS A 48 -8.67 -6.46 -15.91
C LYS A 48 -7.49 -7.17 -15.24
N SER A 49 -7.60 -7.40 -13.93
CA SER A 49 -6.54 -8.07 -13.20
C SER A 49 -6.38 -9.52 -13.62
N ARG A 50 -5.15 -9.99 -13.71
CA ARG A 50 -4.89 -11.38 -14.05
C ARG A 50 -4.17 -11.96 -12.84
N PRO A 51 -4.29 -13.27 -12.62
CA PRO A 51 -3.64 -13.94 -11.50
C PRO A 51 -2.15 -14.07 -11.80
N ALA A 52 -1.30 -13.90 -10.80
CA ALA A 52 0.13 -14.05 -10.99
C ALA A 52 0.39 -15.52 -11.29
N THR A 53 1.36 -15.81 -12.14
CA THR A 53 1.66 -17.19 -12.44
C THR A 53 2.51 -17.73 -11.30
N LYS A 54 2.48 -19.03 -11.09
CA LYS A 54 3.26 -19.68 -10.03
C LYS A 54 4.69 -19.21 -10.11
N GLU A 55 5.19 -19.07 -11.33
CA GLU A 55 6.56 -18.63 -11.58
C GLU A 55 6.84 -17.24 -11.03
N GLU A 56 5.92 -16.31 -11.29
CA GLU A 56 6.10 -14.95 -10.82
C GLU A 56 6.17 -14.89 -9.30
N LEU A 57 5.33 -15.67 -8.64
CA LEU A 57 5.29 -15.72 -7.18
C LEU A 57 6.59 -16.28 -6.66
N LEU A 58 7.17 -17.18 -7.45
CA LEU A 58 8.42 -17.80 -7.06
C LEU A 58 9.62 -16.92 -7.26
N LEU A 59 9.41 -15.73 -7.82
CA LEU A 59 10.52 -14.78 -7.99
C LEU A 59 10.89 -14.27 -6.59
N PHE A 60 10.08 -14.66 -5.60
CA PHE A 60 10.30 -14.27 -4.18
C PHE A 60 9.91 -15.35 -3.16
N HIS A 61 8.67 -15.81 -3.23
CA HIS A 61 8.19 -16.82 -2.30
C HIS A 61 8.66 -18.25 -2.59
N THR A 62 8.85 -19.02 -1.52
CA THR A 62 9.30 -20.42 -1.64
C THR A 62 8.14 -21.34 -1.99
N GLU A 63 8.39 -22.35 -2.80
CA GLU A 63 7.35 -23.28 -3.23
C GLU A 63 6.48 -23.86 -2.12
N ASP A 64 7.14 -24.43 -1.10
CA ASP A 64 6.42 -25.03 0.00
C ASP A 64 5.40 -24.05 0.58
N TYR A 65 5.80 -22.79 0.73
CA TYR A 65 4.91 -21.78 1.27
C TYR A 65 3.77 -21.47 0.31
N ILE A 66 4.04 -21.54 -0.99
CA ILE A 66 3.03 -21.26 -1.97
C ILE A 66 2.09 -22.46 -2.04
N ASN A 67 2.65 -23.65 -2.11
CA ASN A 67 1.80 -24.84 -2.16
C ASN A 67 0.94 -24.94 -0.90
N THR A 68 1.44 -24.41 0.21
CA THR A 68 0.69 -24.45 1.46
C THR A 68 -0.52 -23.53 1.35
N LEU A 69 -0.33 -22.41 0.65
CA LEU A 69 -1.41 -21.45 0.46
C LEU A 69 -2.48 -22.04 -0.43
N MET A 70 -2.04 -22.66 -1.52
CA MET A 70 -2.96 -23.26 -2.47
C MET A 70 -3.72 -24.43 -1.86
N GLU A 71 -3.03 -25.24 -1.06
CA GLU A 71 -3.68 -26.38 -0.42
C GLU A 71 -4.68 -25.93 0.62
N ALA A 72 -4.29 -24.95 1.43
CA ALA A 72 -5.14 -24.43 2.48
C ALA A 72 -6.40 -23.75 1.96
N GLU A 73 -6.28 -23.03 0.86
CA GLU A 73 -7.45 -22.35 0.32
C GLU A 73 -8.51 -23.31 -0.21
N ARG A 74 -8.17 -24.18 -1.14
CA ARG A 74 -9.20 -25.06 -1.70
C ARG A 74 -9.81 -26.05 -0.70
N SER A 75 -9.02 -26.52 0.25
CA SER A 75 -9.54 -27.43 1.26
C SER A 75 -10.15 -26.54 2.36
N GLN A 76 -9.94 -25.24 2.18
CA GLN A 76 -10.42 -24.24 3.13
C GLN A 76 -10.06 -24.68 4.55
N SER A 77 -8.81 -25.08 4.74
CA SER A 77 -8.33 -25.52 6.04
C SER A 77 -6.92 -25.05 6.33
N VAL A 78 -6.49 -25.28 7.57
CA VAL A 78 -5.15 -24.95 8.01
C VAL A 78 -4.42 -26.28 8.09
N PRO A 79 -3.49 -26.53 7.17
CA PRO A 79 -2.76 -27.80 7.17
C PRO A 79 -1.92 -27.99 8.43
N LYS A 80 -1.70 -29.25 8.78
CA LYS A 80 -0.90 -29.61 9.93
C LYS A 80 0.42 -28.89 9.85
N GLY A 81 0.79 -28.22 10.94
CA GLY A 81 2.04 -27.49 11.01
C GLY A 81 2.13 -26.22 10.18
N ALA A 82 1.04 -25.82 9.54
CA ALA A 82 1.08 -24.63 8.71
C ALA A 82 0.90 -23.37 9.55
N ARG A 83 0.14 -23.50 10.63
CA ARG A 83 -0.11 -22.38 11.51
C ARG A 83 1.21 -21.85 12.07
N GLU A 84 2.03 -22.77 12.55
CA GLU A 84 3.32 -22.44 13.14
C GLU A 84 4.37 -21.99 12.14
N LYS A 85 4.61 -22.83 11.14
CA LYS A 85 5.59 -22.58 10.11
C LYS A 85 5.31 -21.41 9.15
N TYR A 86 4.03 -21.21 8.82
CA TYR A 86 3.65 -20.19 7.85
C TYR A 86 2.79 -19.04 8.36
N ASN A 87 2.40 -19.09 9.62
CA ASN A 87 1.59 -18.04 10.21
C ASN A 87 0.26 -17.91 9.46
N ILE A 88 -0.30 -19.06 9.11
CA ILE A 88 -1.55 -19.15 8.37
C ILE A 88 -2.65 -19.76 9.24
N GLY A 89 -3.88 -19.30 9.06
CA GLY A 89 -4.98 -19.86 9.82
C GLY A 89 -5.37 -19.02 11.00
N GLY A 90 -4.44 -18.21 11.48
CA GLY A 90 -4.75 -17.37 12.61
C GLY A 90 -5.84 -16.38 12.25
N TYR A 91 -6.19 -15.55 13.22
CA TYR A 91 -7.19 -14.52 13.05
C TYR A 91 -6.66 -13.51 12.06
N GLU A 92 -5.38 -13.19 12.22
CA GLU A 92 -4.65 -12.21 11.42
C GLU A 92 -4.67 -12.53 9.93
N ASN A 93 -4.27 -13.75 9.61
CA ASN A 93 -4.21 -14.24 8.23
C ASN A 93 -5.01 -15.54 8.23
N PRO A 94 -6.34 -15.44 8.20
CA PRO A 94 -7.17 -16.65 8.21
C PRO A 94 -7.19 -17.36 6.88
N VAL A 95 -7.94 -18.44 6.87
CA VAL A 95 -8.18 -19.24 5.70
C VAL A 95 -9.35 -18.55 5.01
N SER A 96 -9.26 -18.39 3.70
CA SER A 96 -10.34 -17.78 2.94
C SER A 96 -9.95 -17.89 1.48
N TYR A 97 -10.75 -17.30 0.60
CA TYR A 97 -10.39 -17.34 -0.80
C TYR A 97 -9.57 -16.12 -1.21
N ALA A 98 -9.23 -15.31 -0.21
CA ALA A 98 -8.41 -14.13 -0.39
C ALA A 98 -6.95 -14.52 -0.14
N MET A 99 -6.75 -15.56 0.66
CA MET A 99 -5.40 -16.02 0.99
C MET A 99 -4.55 -16.36 -0.22
N PHE A 100 -5.15 -16.88 -1.28
CA PHE A 100 -4.36 -17.19 -2.45
C PHE A 100 -4.95 -16.61 -3.74
N THR A 101 -6.23 -16.84 -3.99
CA THR A 101 -6.87 -16.33 -5.21
C THR A 101 -6.90 -14.80 -5.31
N GLY A 102 -7.29 -14.13 -4.24
CA GLY A 102 -7.32 -12.68 -4.27
C GLY A 102 -5.92 -12.10 -4.21
N SER A 103 -5.06 -12.78 -3.45
CA SER A 103 -3.67 -12.39 -3.28
C SER A 103 -2.97 -12.50 -4.60
N SER A 104 -3.21 -13.60 -5.32
CA SER A 104 -2.58 -13.82 -6.61
C SER A 104 -3.07 -12.76 -7.58
N LEU A 105 -4.34 -12.43 -7.43
CA LEU A 105 -4.98 -11.47 -8.30
C LEU A 105 -4.35 -10.10 -8.07
N ALA A 106 -4.16 -9.76 -6.80
CA ALA A 106 -3.56 -8.49 -6.43
C ALA A 106 -2.13 -8.43 -6.87
N THR A 107 -1.45 -9.58 -6.79
CA THR A 107 -0.04 -9.68 -7.19
C THR A 107 0.18 -9.63 -8.70
N GLY A 108 -0.69 -10.31 -9.46
CA GLY A 108 -0.56 -10.30 -10.90
C GLY A 108 -0.76 -8.87 -11.37
N SER A 109 -1.60 -8.13 -10.66
CA SER A 109 -1.87 -6.74 -11.00
C SER A 109 -0.66 -5.83 -10.79
N THR A 110 0.24 -6.23 -9.90
CA THR A 110 1.42 -5.42 -9.68
C THR A 110 2.35 -5.62 -10.85
N VAL A 111 2.43 -6.86 -11.33
CA VAL A 111 3.25 -7.15 -12.48
C VAL A 111 2.58 -6.47 -13.68
N GLN A 112 1.26 -6.49 -13.74
CA GLN A 112 0.58 -5.86 -14.86
C GLN A 112 0.97 -4.40 -14.83
N ALA A 113 0.87 -3.81 -13.64
CA ALA A 113 1.19 -2.41 -13.46
C ALA A 113 2.61 -2.13 -13.94
N ILE A 114 3.50 -3.07 -13.64
CA ILE A 114 4.88 -2.92 -14.02
C ILE A 114 5.05 -3.03 -15.53
N GLU A 115 4.40 -4.01 -16.15
CA GLU A 115 4.49 -4.22 -17.60
C GLU A 115 4.07 -2.94 -18.32
N GLU A 116 2.98 -2.34 -17.83
CA GLU A 116 2.44 -1.11 -18.39
C GLU A 116 3.44 0.02 -18.32
N PHE A 117 4.00 0.25 -17.12
CA PHE A 117 4.98 1.32 -16.93
C PHE A 117 6.08 1.20 -17.94
N LEU A 118 6.65 0.00 -18.06
CA LEU A 118 7.74 -0.26 -18.98
C LEU A 118 7.35 -0.06 -20.45
N LYS A 119 6.06 -0.06 -20.75
CA LYS A 119 5.58 0.18 -22.12
C LYS A 119 5.51 1.69 -22.33
N GLY A 120 5.87 2.46 -21.32
CA GLY A 120 5.81 3.90 -21.42
C GLY A 120 4.54 4.50 -20.82
N ASN A 121 3.69 3.67 -20.21
CA ASN A 121 2.44 4.17 -19.61
C ASN A 121 2.45 4.32 -18.09
N VAL A 122 1.36 4.90 -17.57
CA VAL A 122 1.17 5.13 -16.14
C VAL A 122 0.06 4.21 -15.64
N ALA A 123 0.37 3.44 -14.61
CA ALA A 123 -0.57 2.50 -14.03
C ALA A 123 -0.59 2.59 -12.55
N PHE A 124 -1.73 2.21 -11.99
CA PHE A 124 -1.93 2.22 -10.56
C PHE A 124 -2.68 0.94 -10.26
N ASN A 125 -2.09 0.13 -9.40
CA ASN A 125 -2.70 -1.11 -8.95
C ASN A 125 -3.02 -0.96 -7.47
N PRO A 126 -4.26 -0.54 -7.16
CA PRO A 126 -4.79 -0.32 -5.83
C PRO A 126 -4.81 -1.55 -4.92
N ALA A 127 -4.76 -2.74 -5.51
CA ALA A 127 -4.82 -3.96 -4.72
C ALA A 127 -3.46 -4.43 -4.27
N GLY A 128 -2.41 -3.85 -4.85
CA GLY A 128 -1.07 -4.23 -4.51
C GLY A 128 -0.57 -3.46 -3.32
N GLY A 129 0.71 -3.60 -3.00
CA GLY A 129 1.25 -2.92 -1.84
C GLY A 129 1.08 -3.76 -0.59
N MET A 130 0.99 -5.08 -0.76
CA MET A 130 0.87 -6.04 0.36
C MET A 130 2.31 -6.31 0.77
N HIS A 131 2.85 -5.35 1.53
CA HIS A 131 4.25 -5.32 1.92
C HIS A 131 4.77 -6.06 3.14
N HIS A 132 3.90 -6.76 3.86
CA HIS A 132 4.32 -7.47 5.06
C HIS A 132 4.78 -8.93 4.89
N ALA A 133 4.24 -9.63 3.93
CA ALA A 133 4.55 -11.05 3.75
C ALA A 133 6.03 -11.37 3.59
N PHE A 134 6.47 -12.45 4.23
CA PHE A 134 7.88 -12.83 4.10
C PHE A 134 8.04 -13.91 3.07
N LYS A 135 9.27 -14.27 2.80
CA LYS A 135 9.60 -15.28 1.82
C LYS A 135 8.79 -16.58 2.00
N SER A 136 8.57 -17.00 3.24
CA SER A 136 7.81 -18.21 3.51
C SER A 136 6.89 -18.01 4.71
N ARG A 137 6.18 -16.89 4.75
CA ARG A 137 5.33 -16.64 5.90
C ARG A 137 4.29 -15.55 5.75
N ALA A 138 3.08 -15.84 6.23
CA ALA A 138 2.00 -14.87 6.19
C ALA A 138 2.33 -13.84 7.26
N ASN A 139 1.85 -12.62 7.12
CA ASN A 139 2.19 -11.61 8.09
C ASN A 139 1.45 -10.30 7.90
N GLY A 140 0.71 -9.91 8.92
CA GLY A 140 -0.05 -8.68 8.93
C GLY A 140 -1.07 -8.59 7.84
N PHE A 141 -1.92 -9.63 7.76
CA PHE A 141 -2.99 -9.70 6.76
C PHE A 141 -2.46 -10.08 5.38
N CYS A 142 -1.14 -10.11 5.22
CA CYS A 142 -0.56 -10.44 3.93
C CYS A 142 -0.10 -11.88 3.81
N TYR A 143 -0.28 -12.46 2.62
CA TYR A 143 0.12 -13.83 2.33
C TYR A 143 1.19 -13.80 1.24
N ILE A 144 0.98 -12.91 0.26
CA ILE A 144 1.93 -12.76 -0.83
C ILE A 144 2.39 -11.31 -0.83
N ASN A 145 3.68 -11.11 -1.08
CA ASN A 145 4.29 -9.77 -1.09
C ASN A 145 4.41 -9.26 -2.54
N ASN A 146 3.34 -8.68 -3.09
CA ASN A 146 3.41 -8.19 -4.47
C ASN A 146 4.58 -7.23 -4.68
N PRO A 147 4.86 -6.34 -3.72
CA PRO A 147 6.00 -5.43 -3.91
C PRO A 147 7.31 -6.20 -4.14
N ALA A 148 7.61 -7.16 -3.28
CA ALA A 148 8.84 -7.93 -3.44
C ALA A 148 8.80 -8.64 -4.76
N VAL A 149 7.74 -9.40 -5.00
CA VAL A 149 7.58 -10.12 -6.26
C VAL A 149 7.77 -9.18 -7.45
N GLY A 150 7.24 -7.97 -7.33
CA GLY A 150 7.35 -6.99 -8.40
C GLY A 150 8.80 -6.58 -8.58
N ILE A 151 9.43 -6.20 -7.49
CA ILE A 151 10.83 -5.78 -7.51
C ILE A 151 11.73 -6.86 -8.13
N GLU A 152 11.57 -8.11 -7.72
CA GLU A 152 12.37 -9.19 -8.27
C GLU A 152 12.12 -9.30 -9.75
N TYR A 153 10.89 -8.99 -10.15
CA TYR A 153 10.50 -9.04 -11.55
C TYR A 153 11.46 -8.14 -12.33
N LEU A 154 11.63 -6.93 -11.82
CA LEU A 154 12.50 -5.94 -12.43
C LEU A 154 13.97 -6.34 -12.43
N ARG A 155 14.44 -6.94 -11.35
CA ARG A 155 15.83 -7.37 -11.30
C ARG A 155 16.11 -8.38 -12.42
N LYS A 156 15.15 -9.27 -12.67
CA LYS A 156 15.33 -10.27 -13.72
C LYS A 156 15.32 -9.58 -15.09
N LYS A 157 14.71 -8.41 -15.15
CA LYS A 157 14.65 -7.62 -16.38
C LYS A 157 15.90 -6.74 -16.52
N GLY A 158 16.85 -6.91 -15.60
CA GLY A 158 18.08 -6.14 -15.68
C GLY A 158 18.28 -4.90 -14.84
N PHE A 159 17.24 -4.35 -14.22
CA PHE A 159 17.45 -3.14 -13.42
C PHE A 159 18.34 -3.45 -12.24
N LYS A 160 19.23 -2.52 -11.90
CA LYS A 160 20.18 -2.70 -10.79
C LYS A 160 19.99 -1.68 -9.67
N ARG A 161 19.18 -0.67 -9.91
CA ARG A 161 18.92 0.35 -8.90
C ARG A 161 17.43 0.61 -8.86
N ILE A 162 16.74 -0.20 -8.06
CA ILE A 162 15.29 -0.13 -7.90
C ILE A 162 14.97 0.56 -6.59
N LEU A 163 14.04 1.51 -6.63
CA LEU A 163 13.63 2.24 -5.45
C LEU A 163 12.23 1.89 -5.03
N TYR A 164 12.02 1.84 -3.73
CA TYR A 164 10.72 1.52 -3.19
C TYR A 164 10.37 2.48 -2.04
N ILE A 165 9.28 3.20 -2.20
CA ILE A 165 8.81 4.16 -1.20
C ILE A 165 7.44 3.68 -0.69
N ASP A 166 7.32 3.51 0.62
CA ASP A 166 6.11 3.03 1.24
C ASP A 166 5.54 4.15 2.13
N LEU A 167 4.36 4.66 1.78
CA LEU A 167 3.77 5.73 2.57
C LEU A 167 2.64 5.19 3.42
N ASP A 168 2.52 3.87 3.45
CA ASP A 168 1.50 3.21 4.25
C ASP A 168 1.88 3.50 5.69
N ALA A 169 0.86 3.64 6.52
CA ALA A 169 1.04 3.93 7.94
C ALA A 169 1.88 2.92 8.70
N HIS A 170 2.11 1.73 8.13
CA HIS A 170 2.92 0.71 8.81
C HIS A 170 4.17 0.34 8.02
N HIS A 171 5.23 -0.02 8.76
CA HIS A 171 6.50 -0.45 8.18
C HIS A 171 6.32 -1.67 7.30
N CYS A 172 6.95 -1.65 6.14
CA CYS A 172 6.89 -2.74 5.20
C CYS A 172 7.94 -3.76 5.55
N ASP A 173 7.89 -4.32 6.75
CA ASP A 173 8.90 -5.32 7.17
C ASP A 173 9.16 -6.45 6.19
N GLY A 174 8.16 -6.79 5.38
CA GLY A 174 8.34 -7.85 4.40
C GLY A 174 9.28 -7.38 3.30
N VAL A 175 9.08 -6.14 2.86
CA VAL A 175 9.90 -5.58 1.80
C VAL A 175 11.31 -5.34 2.32
N GLN A 176 11.41 -4.96 3.58
CA GLN A 176 12.72 -4.73 4.19
C GLN A 176 13.58 -5.98 4.25
N GLU A 177 13.05 -7.05 4.85
CA GLU A 177 13.78 -8.30 4.97
C GLU A 177 14.25 -8.78 3.60
N ALA A 178 13.38 -8.63 2.61
CA ALA A 178 13.64 -9.07 1.23
C ALA A 178 14.81 -8.40 0.51
N PHE A 179 15.14 -7.16 0.85
CA PHE A 179 16.25 -6.52 0.17
C PHE A 179 17.22 -5.88 1.15
N TYR A 180 17.16 -6.34 2.39
CA TYR A 180 18.00 -5.83 3.45
C TYR A 180 19.48 -6.01 3.18
N ASP A 181 19.85 -7.11 2.53
CA ASP A 181 21.26 -7.39 2.28
C ASP A 181 21.73 -7.01 0.87
N THR A 182 20.93 -6.25 0.14
CA THR A 182 21.37 -5.86 -1.18
C THR A 182 21.30 -4.37 -1.31
N ASP A 183 22.06 -3.84 -2.27
CA ASP A 183 22.10 -2.40 -2.52
C ASP A 183 21.50 -2.06 -3.89
N GLN A 184 20.94 -3.07 -4.57
CA GLN A 184 20.32 -2.82 -5.86
C GLN A 184 18.91 -2.30 -5.64
N VAL A 185 18.36 -2.59 -4.46
CA VAL A 185 17.02 -2.12 -4.12
C VAL A 185 17.09 -1.24 -2.89
N PHE A 186 16.69 0.02 -3.04
CA PHE A 186 16.68 0.94 -1.91
C PHE A 186 15.26 0.95 -1.35
N VAL A 187 15.10 0.55 -0.10
CA VAL A 187 13.78 0.54 0.53
C VAL A 187 13.69 1.71 1.48
N LEU A 188 12.63 2.51 1.33
CA LEU A 188 12.36 3.70 2.17
C LEU A 188 10.94 3.60 2.71
N SER A 189 10.73 3.93 3.98
CA SER A 189 9.40 3.82 4.52
C SER A 189 9.09 4.78 5.65
N LEU A 190 7.96 5.48 5.54
CA LEU A 190 7.53 6.36 6.61
C LEU A 190 6.41 5.50 7.18
N HIS A 191 6.31 5.42 8.50
CA HIS A 191 5.28 4.57 9.13
C HIS A 191 5.15 4.88 10.62
N GLN A 192 4.12 4.31 11.26
CA GLN A 192 3.95 4.52 12.69
C GLN A 192 5.10 3.77 13.35
N SER A 193 5.77 4.41 14.28
CA SER A 193 6.88 3.80 14.96
C SER A 193 6.53 2.40 15.48
N PRO A 194 7.48 1.47 15.41
CA PRO A 194 7.24 0.10 15.88
C PRO A 194 7.06 0.07 17.39
N GLU A 195 7.43 1.15 18.07
CA GLU A 195 7.31 1.21 19.52
C GLU A 195 5.86 1.16 19.96
N TYR A 196 4.95 1.58 19.09
CA TYR A 196 3.54 1.57 19.43
C TYR A 196 2.62 0.96 18.36
N ALA A 197 3.19 0.45 17.27
CA ALA A 197 2.34 -0.13 16.22
C ALA A 197 2.92 -1.29 15.46
N PHE A 198 2.03 -2.12 14.92
CA PHE A 198 2.41 -3.26 14.10
C PHE A 198 3.35 -2.74 13.01
N PRO A 199 4.40 -3.50 12.67
CA PRO A 199 4.83 -4.81 13.17
C PRO A 199 5.36 -4.93 14.60
N PHE A 200 5.75 -3.81 15.23
CA PHE A 200 6.30 -3.80 16.59
C PHE A 200 7.75 -4.31 16.71
N GLU A 201 8.07 -5.33 15.92
CA GLU A 201 9.39 -5.93 15.95
C GLU A 201 10.43 -5.31 14.99
N LYS A 202 9.96 -4.53 14.04
CA LYS A 202 10.86 -3.92 13.07
C LYS A 202 10.32 -2.57 12.64
N GLY A 203 11.11 -1.82 11.91
CA GLY A 203 10.67 -0.51 11.46
C GLY A 203 11.42 0.61 12.13
N PHE A 204 12.33 0.28 13.04
CA PHE A 204 13.12 1.29 13.74
C PHE A 204 14.18 1.95 12.86
N LEU A 205 14.46 3.21 13.15
CA LEU A 205 15.43 4.02 12.41
C LEU A 205 16.81 3.40 12.21
N GLU A 206 17.23 2.58 13.16
CA GLU A 206 18.55 1.96 13.18
C GLU A 206 18.72 0.88 12.13
N GLU A 207 17.62 0.32 11.66
CA GLU A 207 17.66 -0.72 10.64
C GLU A 207 18.04 -0.06 9.33
N ILE A 208 19.34 -0.04 9.07
CA ILE A 208 19.86 0.59 7.87
C ILE A 208 20.50 -0.40 6.91
N GLY A 209 20.34 -1.69 7.17
CA GLY A 209 20.92 -2.64 6.25
C GLY A 209 21.73 -3.77 6.82
N GLU A 210 22.35 -4.51 5.91
CA GLU A 210 23.14 -5.68 6.26
C GLU A 210 23.99 -6.02 5.05
N GLY A 211 25.30 -6.15 5.23
CA GLY A 211 26.16 -6.49 4.11
C GLY A 211 26.27 -5.36 3.11
N LYS A 212 26.23 -5.70 1.81
CA LYS A 212 26.33 -4.71 0.73
C LYS A 212 25.17 -3.73 0.80
N GLY A 213 24.08 -4.16 1.43
CA GLY A 213 22.90 -3.33 1.52
C GLY A 213 22.86 -2.34 2.66
N LYS A 214 23.90 -2.35 3.48
CA LYS A 214 23.96 -1.44 4.61
C LYS A 214 23.92 0.00 4.07
N GLY A 215 22.89 0.74 4.49
CA GLY A 215 22.73 2.10 4.01
C GLY A 215 21.67 2.20 2.91
N TYR A 216 21.03 1.09 2.59
CA TYR A 216 20.01 1.09 1.53
C TYR A 216 18.62 0.74 2.02
N ASN A 217 18.42 0.91 3.31
CA ASN A 217 17.13 0.68 3.94
C ASN A 217 17.03 1.84 4.90
N LEU A 218 15.96 2.62 4.77
CA LEU A 218 15.76 3.80 5.60
C LEU A 218 14.35 3.74 6.16
N ASN A 219 14.23 3.59 7.48
CA ASN A 219 12.93 3.56 8.13
C ASN A 219 12.72 4.90 8.79
N ILE A 220 11.51 5.45 8.64
CA ILE A 220 11.20 6.75 9.21
C ILE A 220 10.07 6.57 10.22
N PRO A 221 10.40 6.20 11.46
CA PRO A 221 9.39 6.01 12.50
C PRO A 221 8.75 7.35 12.83
N LEU A 222 7.41 7.39 12.84
CA LEU A 222 6.72 8.64 13.14
C LEU A 222 5.76 8.51 14.32
N PRO A 223 5.60 9.61 15.09
CA PRO A 223 4.73 9.69 16.26
C PRO A 223 3.22 9.69 15.99
N LYS A 224 2.47 9.42 17.05
CA LYS A 224 1.02 9.39 17.01
C LYS A 224 0.52 10.82 16.82
N GLY A 225 -0.72 10.97 16.38
CA GLY A 225 -1.26 12.30 16.18
C GLY A 225 -0.54 13.07 15.10
N LEU A 226 0.19 12.37 14.24
CA LEU A 226 0.95 13.01 13.17
C LEU A 226 -0.01 13.84 12.30
N ASN A 227 0.36 15.09 12.03
CA ASN A 227 -0.46 15.95 11.18
C ASN A 227 0.17 16.11 9.81
N ASP A 228 -0.59 16.67 8.87
CA ASP A 228 -0.09 16.84 7.51
C ASP A 228 1.35 17.36 7.40
N ASN A 229 1.66 18.50 8.03
CA ASN A 229 3.00 19.09 7.95
C ASN A 229 4.12 18.17 8.38
N GLU A 230 3.87 17.41 9.45
CA GLU A 230 4.84 16.49 9.97
C GLU A 230 5.08 15.41 8.93
N PHE A 231 3.99 14.87 8.39
CA PHE A 231 4.12 13.83 7.38
C PHE A 231 4.93 14.31 6.20
N LEU A 232 4.48 15.41 5.62
CA LEU A 232 5.15 15.95 4.45
C LEU A 232 6.58 16.34 4.73
N PHE A 233 6.83 16.81 5.94
CA PHE A 233 8.16 17.21 6.34
C PHE A 233 9.17 16.06 6.24
N ALA A 234 8.78 14.89 6.72
CA ALA A 234 9.63 13.71 6.71
C ALA A 234 9.80 13.14 5.31
N LEU A 235 8.79 13.32 4.49
CA LEU A 235 8.83 12.82 3.13
C LEU A 235 9.91 13.57 2.36
N GLU A 236 9.73 14.87 2.23
CA GLU A 236 10.67 15.72 1.51
C GLU A 236 12.06 15.51 2.06
N LYS A 237 12.14 15.46 3.38
CA LYS A 237 13.40 15.31 4.06
C LYS A 237 14.03 13.93 3.81
N SER A 238 13.26 12.86 4.02
CA SER A 238 13.81 11.53 3.78
C SER A 238 14.09 11.28 2.29
N LEU A 239 13.28 11.86 1.40
CA LEU A 239 13.54 11.68 -0.03
C LEU A 239 14.92 12.26 -0.35
N GLU A 240 15.29 13.32 0.34
CA GLU A 240 16.58 13.95 0.11
C GLU A 240 17.73 12.99 0.38
N ILE A 241 17.64 12.31 1.52
CA ILE A 241 18.65 11.33 1.93
C ILE A 241 18.80 10.26 0.83
N VAL A 242 17.68 9.89 0.20
CA VAL A 242 17.67 8.91 -0.85
C VAL A 242 18.38 9.39 -2.12
N LYS A 243 18.00 10.59 -2.58
CA LYS A 243 18.59 11.14 -3.78
C LYS A 243 20.11 11.29 -3.71
N GLU A 244 20.63 11.69 -2.55
CA GLU A 244 22.09 11.86 -2.41
C GLU A 244 22.80 10.51 -2.32
N VAL A 245 22.04 9.43 -2.23
CA VAL A 245 22.62 8.10 -2.08
C VAL A 245 22.19 7.12 -3.16
N PHE A 246 21.09 7.43 -3.84
CA PHE A 246 20.57 6.50 -4.82
C PHE A 246 20.03 7.18 -6.07
N GLU A 247 20.50 6.74 -7.25
CA GLU A 247 19.99 7.27 -8.51
C GLU A 247 19.16 6.14 -9.17
N PRO A 248 17.85 6.12 -8.89
CA PRO A 248 16.85 5.17 -9.37
C PRO A 248 16.66 5.04 -10.89
N GLU A 249 16.61 3.80 -11.36
CA GLU A 249 16.37 3.51 -12.76
C GLU A 249 14.87 3.42 -12.85
N VAL A 250 14.28 2.97 -11.74
CA VAL A 250 12.84 2.82 -11.60
C VAL A 250 12.52 2.83 -10.12
N TYR A 251 11.29 3.16 -9.76
CA TYR A 251 10.89 3.15 -8.35
C TYR A 251 9.42 2.81 -8.24
N LEU A 252 9.05 2.21 -7.12
CA LEU A 252 7.67 1.88 -6.86
C LEU A 252 7.20 2.65 -5.64
N LEU A 253 5.93 3.01 -5.64
CA LEU A 253 5.38 3.76 -4.53
C LEU A 253 4.13 3.04 -4.06
N GLN A 254 4.03 2.75 -2.77
CA GLN A 254 2.84 2.09 -2.25
C GLN A 254 2.09 3.21 -1.57
N LEU A 255 0.80 3.29 -1.83
CA LEU A 255 -0.03 4.35 -1.29
C LEU A 255 -1.21 3.87 -0.44
N GLY A 256 -0.89 3.34 0.74
CA GLY A 256 -1.93 2.89 1.65
C GLY A 256 -2.61 4.13 2.18
N THR A 257 -3.94 4.09 2.28
CA THR A 257 -4.70 5.23 2.77
C THR A 257 -4.90 5.14 4.27
N ASP A 258 -4.24 4.19 4.93
CA ASP A 258 -4.45 4.10 6.35
C ASP A 258 -3.80 5.21 7.17
N PRO A 259 -2.89 6.02 6.57
CA PRO A 259 -2.31 7.08 7.39
C PRO A 259 -3.36 8.17 7.67
N LEU A 260 -4.43 8.16 6.89
CA LEU A 260 -5.52 9.13 7.03
C LEU A 260 -6.25 9.11 8.36
N LEU A 261 -6.59 10.31 8.86
CA LEU A 261 -7.31 10.53 10.12
C LEU A 261 -8.46 9.58 10.47
N GLU A 262 -9.36 9.31 9.52
CA GLU A 262 -10.51 8.44 9.78
C GLU A 262 -10.22 6.94 9.91
N ASP A 263 -9.04 6.52 9.49
CA ASP A 263 -8.68 5.10 9.54
C ASP A 263 -8.22 4.73 10.93
N TYR A 264 -8.92 3.79 11.55
CA TYR A 264 -8.61 3.35 12.89
C TYR A 264 -7.30 2.60 13.07
N LEU A 265 -6.86 1.88 12.04
CA LEU A 265 -5.60 1.15 12.12
C LEU A 265 -4.37 2.05 12.00
N SER A 266 -4.56 3.33 12.26
CA SER A 266 -3.48 4.29 12.23
C SER A 266 -3.75 5.37 13.24
N LYS A 267 -2.70 5.89 13.84
CA LYS A 267 -2.86 6.95 14.82
C LYS A 267 -2.51 8.33 14.26
N PHE A 268 -2.34 8.39 12.94
CA PHE A 268 -2.03 9.62 12.21
C PHE A 268 -3.32 10.37 11.90
N ASN A 269 -3.26 11.69 11.93
CA ASN A 269 -4.45 12.48 11.63
C ASN A 269 -4.22 13.25 10.33
N LEU A 270 -3.89 12.51 9.29
CA LEU A 270 -3.64 13.09 7.98
C LEU A 270 -4.92 13.37 7.18
N SER A 271 -4.75 14.15 6.11
CA SER A 271 -5.84 14.52 5.23
C SER A 271 -5.58 14.01 3.81
N ASN A 272 -6.64 13.97 3.01
CA ASN A 272 -6.61 13.57 1.60
C ASN A 272 -5.60 14.36 0.83
N VAL A 273 -5.73 15.67 0.96
CA VAL A 273 -4.87 16.61 0.28
C VAL A 273 -3.38 16.40 0.60
N ALA A 274 -3.08 16.18 1.87
CA ALA A 274 -1.69 15.94 2.27
C ALA A 274 -1.26 14.66 1.62
N PHE A 275 -2.18 13.70 1.58
CA PHE A 275 -1.94 12.41 0.98
C PHE A 275 -1.65 12.61 -0.50
N LEU A 276 -2.52 13.35 -1.17
CA LEU A 276 -2.37 13.67 -2.58
C LEU A 276 -1.02 14.35 -2.83
N LYS A 277 -0.65 15.27 -1.94
CA LYS A 277 0.61 15.98 -2.05
C LYS A 277 1.82 15.11 -1.79
N ALA A 278 1.68 14.13 -0.90
CA ALA A 278 2.80 13.26 -0.59
C ALA A 278 3.15 12.58 -1.92
N PHE A 279 2.08 12.23 -2.63
CA PHE A 279 2.16 11.57 -3.92
C PHE A 279 2.85 12.44 -4.95
N ASN A 280 2.36 13.66 -5.13
CA ASN A 280 2.96 14.53 -6.13
C ASN A 280 4.38 14.94 -5.84
N ILE A 281 4.74 15.00 -4.58
CA ILE A 281 6.09 15.36 -4.20
C ILE A 281 7.05 14.25 -4.63
N VAL A 282 6.65 12.99 -4.43
CA VAL A 282 7.48 11.85 -4.83
C VAL A 282 7.69 11.87 -6.34
N ARG A 283 6.66 12.28 -7.06
CA ARG A 283 6.71 12.35 -8.52
C ARG A 283 7.56 13.53 -8.98
N GLU A 284 7.61 14.59 -8.17
CA GLU A 284 8.41 15.76 -8.52
C GLU A 284 9.88 15.43 -8.36
N VAL A 285 10.20 14.61 -7.36
CA VAL A 285 11.57 14.24 -7.09
C VAL A 285 12.12 13.17 -8.03
N PHE A 286 11.37 12.07 -8.21
CA PHE A 286 11.86 10.99 -9.06
C PHE A 286 11.18 10.72 -10.38
N GLY A 287 10.25 11.60 -10.77
CA GLY A 287 9.52 11.41 -12.01
C GLY A 287 8.38 10.43 -11.84
N GLU A 288 8.05 9.69 -12.90
CA GLU A 288 6.96 8.71 -12.83
C GLU A 288 7.51 7.34 -12.46
N GLY A 289 6.69 6.58 -11.74
CA GLY A 289 7.06 5.24 -11.33
C GLY A 289 5.82 4.36 -11.28
N VAL A 290 5.94 3.14 -10.78
CA VAL A 290 4.81 2.23 -10.67
C VAL A 290 4.11 2.55 -9.36
N TYR A 291 2.80 2.79 -9.40
CA TYR A 291 2.02 3.16 -8.21
C TYR A 291 1.17 2.02 -7.64
N LEU A 292 1.40 1.70 -6.36
CA LEU A 292 0.67 0.62 -5.70
C LEU A 292 -0.32 1.05 -4.64
N GLY A 293 -1.17 0.12 -4.24
CA GLY A 293 -2.15 0.40 -3.20
C GLY A 293 -1.56 0.04 -1.86
N GLY A 294 -2.39 -0.39 -0.93
CA GLY A 294 -1.88 -0.75 0.38
C GLY A 294 -2.98 -0.76 1.42
N GLY A 295 -2.60 -0.70 2.69
CA GLY A 295 -3.57 -0.72 3.76
C GLY A 295 -4.59 0.40 3.67
N GLY A 296 -5.79 0.13 4.16
CA GLY A 296 -6.85 1.13 4.12
C GLY A 296 -8.08 0.44 4.66
N TYR A 297 -8.64 0.93 5.75
CA TYR A 297 -9.77 0.23 6.33
C TYR A 297 -11.06 1.01 6.44
N HIS A 298 -11.02 2.29 6.15
CA HIS A 298 -12.23 3.08 6.19
C HIS A 298 -12.72 3.21 4.74
N PRO A 299 -13.88 2.64 4.44
CA PRO A 299 -14.41 2.70 3.07
C PRO A 299 -14.45 4.11 2.45
N TYR A 300 -14.87 5.10 3.23
CA TYR A 300 -14.97 6.49 2.76
C TYR A 300 -13.62 7.15 2.45
N ALA A 301 -12.66 6.97 3.35
CA ALA A 301 -11.35 7.57 3.15
C ALA A 301 -10.67 6.87 1.99
N LEU A 302 -10.76 5.54 2.01
CA LEU A 302 -10.21 4.70 0.97
C LEU A 302 -10.66 5.21 -0.39
N ALA A 303 -11.97 5.23 -0.60
CA ALA A 303 -12.55 5.67 -1.85
C ALA A 303 -12.19 7.10 -2.24
N ARG A 304 -12.43 8.06 -1.34
CA ARG A 304 -12.13 9.45 -1.67
C ARG A 304 -10.67 9.66 -1.98
N ALA A 305 -9.83 9.10 -1.12
CA ALA A 305 -8.38 9.23 -1.25
C ALA A 305 -7.81 8.67 -2.55
N TRP A 306 -8.17 7.44 -2.87
CA TRP A 306 -7.64 6.84 -4.08
C TRP A 306 -8.23 7.46 -5.32
N THR A 307 -9.43 8.04 -5.18
CA THR A 307 -10.06 8.74 -6.29
C THR A 307 -9.19 9.96 -6.63
N LEU A 308 -8.64 10.61 -5.61
CA LEU A 308 -7.77 11.76 -5.83
C LEU A 308 -6.53 11.34 -6.61
N ILE A 309 -6.01 10.18 -6.29
CA ILE A 309 -4.82 9.70 -6.97
C ILE A 309 -5.21 9.43 -8.41
N TRP A 310 -6.40 8.89 -8.59
CA TRP A 310 -6.83 8.55 -9.93
C TRP A 310 -6.99 9.81 -10.75
N CYS A 311 -7.63 10.83 -10.18
CA CYS A 311 -7.81 12.10 -10.89
C CYS A 311 -6.47 12.73 -11.25
N GLU A 312 -5.55 12.77 -10.30
CA GLU A 312 -4.23 13.34 -10.49
C GLU A 312 -3.52 12.70 -11.65
N LEU A 313 -3.60 11.38 -11.72
CA LEU A 313 -2.97 10.60 -12.79
C LEU A 313 -3.74 10.77 -14.08
N SER A 314 -5.05 10.57 -13.98
CA SER A 314 -5.98 10.66 -15.10
C SER A 314 -6.10 12.08 -15.65
N GLY A 315 -5.32 13.00 -15.10
CA GLY A 315 -5.38 14.37 -15.55
C GLY A 315 -6.77 14.95 -15.61
N ARG A 316 -7.61 14.67 -14.62
CA ARG A 316 -8.96 15.21 -14.62
C ARG A 316 -9.27 15.96 -13.34
N GLU A 317 -9.96 17.09 -13.46
CA GLU A 317 -10.31 17.91 -12.31
C GLU A 317 -11.13 17.15 -11.27
N VAL A 318 -10.86 17.46 -10.01
CA VAL A 318 -11.53 16.79 -8.90
C VAL A 318 -12.85 17.45 -8.58
N PRO A 319 -13.96 16.72 -8.70
CA PRO A 319 -15.25 17.33 -8.38
C PRO A 319 -15.12 17.72 -6.91
N GLU A 320 -15.64 18.87 -6.50
CA GLU A 320 -15.48 19.23 -5.12
C GLU A 320 -16.49 18.48 -4.27
N LYS A 321 -17.55 18.02 -4.91
CA LYS A 321 -18.59 17.31 -4.19
C LYS A 321 -18.77 15.92 -4.78
N LEU A 322 -19.52 15.08 -4.07
CA LEU A 322 -19.80 13.75 -4.55
C LEU A 322 -21.25 13.82 -4.98
N ASN A 323 -21.57 13.22 -6.11
CA ASN A 323 -22.94 13.22 -6.60
C ASN A 323 -23.69 12.25 -5.71
N ASN A 324 -24.99 12.10 -5.94
CA ASN A 324 -25.82 11.21 -5.13
C ASN A 324 -25.49 9.74 -5.23
N LYS A 325 -25.16 9.31 -6.43
CA LYS A 325 -24.83 7.92 -6.70
C LYS A 325 -23.67 7.51 -5.81
N ALA A 326 -22.68 8.38 -5.70
CA ALA A 326 -21.53 8.09 -4.87
C ALA A 326 -21.85 8.12 -3.37
N LYS A 327 -22.63 9.10 -2.93
CA LYS A 327 -22.99 9.19 -1.50
C LYS A 327 -23.76 7.94 -1.05
N GLU A 328 -24.66 7.50 -1.92
CA GLU A 328 -25.50 6.33 -1.67
C GLU A 328 -24.68 5.06 -1.62
N LEU A 329 -23.74 4.95 -2.56
CA LEU A 329 -22.86 3.79 -2.61
C LEU A 329 -22.16 3.66 -1.27
N LEU A 330 -21.44 4.71 -0.87
CA LEU A 330 -20.72 4.69 0.39
C LEU A 330 -21.62 4.35 1.57
N LYS A 331 -22.82 4.90 1.60
CA LYS A 331 -23.76 4.66 2.69
C LYS A 331 -24.34 3.26 2.66
N SER A 332 -24.20 2.56 1.54
CA SER A 332 -24.75 1.22 1.43
C SER A 332 -23.81 0.21 2.04
N ILE A 333 -22.53 0.58 2.11
CA ILE A 333 -21.53 -0.31 2.67
C ILE A 333 -21.71 -0.37 4.17
N ASP A 334 -21.80 -1.57 4.73
CA ASP A 334 -21.91 -1.64 6.18
C ASP A 334 -20.48 -1.72 6.68
N PHE A 335 -20.06 -0.70 7.41
CA PHE A 335 -18.72 -0.61 7.95
C PHE A 335 -18.71 -0.57 9.47
N GLU A 336 -19.65 0.16 10.03
CA GLU A 336 -19.73 0.33 11.48
C GLU A 336 -18.50 1.10 11.92
N GLU A 337 -18.71 2.34 12.34
CA GLU A 337 -17.61 3.20 12.79
C GLU A 337 -17.09 2.58 14.11
N PHE A 338 -15.77 2.58 14.30
CA PHE A 338 -15.19 2.00 15.51
C PHE A 338 -15.53 2.82 16.75
N ASP A 339 -15.16 4.09 16.75
CA ASP A 339 -15.50 4.96 17.87
C ASP A 339 -16.99 5.21 17.72
N ASP A 340 -17.79 4.39 18.39
CA ASP A 340 -19.24 4.49 18.34
C ASP A 340 -19.70 5.58 17.40
N GLU A 341 -19.82 6.80 17.90
CA GLU A 341 -20.27 7.88 17.02
C GLU A 341 -19.35 9.08 16.97
N VAL A 342 -18.50 9.11 15.95
CA VAL A 342 -17.61 10.25 15.72
C VAL A 342 -18.33 11.06 14.67
N ASP A 343 -19.11 10.34 13.86
CA ASP A 343 -19.88 10.93 12.77
C ASP A 343 -18.93 11.29 11.65
N ARG A 344 -18.91 10.47 10.61
CA ARG A 344 -18.04 10.73 9.49
C ARG A 344 -18.85 11.02 8.26
N SER A 345 -20.12 11.38 8.45
CA SER A 345 -21.00 11.69 7.32
C SER A 345 -20.51 12.92 6.56
N TYR A 346 -19.66 13.72 7.21
CA TYR A 346 -19.13 14.91 6.56
C TYR A 346 -18.29 14.53 5.34
N MET A 347 -17.68 13.35 5.39
CA MET A 347 -16.86 12.88 4.28
C MET A 347 -17.68 12.70 3.03
N LEU A 348 -18.99 12.60 3.21
CA LEU A 348 -19.92 12.42 2.10
C LEU A 348 -20.25 13.76 1.46
N GLU A 349 -19.83 14.84 2.11
CA GLU A 349 -20.10 16.18 1.61
C GLU A 349 -19.00 16.81 0.74
N THR A 350 -17.93 16.05 0.47
CA THR A 350 -16.84 16.52 -0.36
C THR A 350 -15.81 15.43 -0.64
N LEU A 351 -15.02 15.63 -1.69
CA LEU A 351 -14.01 14.67 -2.10
C LEU A 351 -12.65 14.98 -1.48
N LYS A 352 -12.28 16.27 -1.49
CA LYS A 352 -11.04 16.75 -0.90
C LYS A 352 -11.39 17.39 0.44
N ASP A 353 -10.86 16.84 1.52
CA ASP A 353 -11.15 17.40 2.83
C ASP A 353 -10.10 18.49 3.16
N PRO A 354 -10.39 19.34 4.14
CA PRO A 354 -9.49 20.42 4.56
C PRO A 354 -8.17 19.97 5.12
N TRP A 355 -7.17 20.84 5.02
CA TRP A 355 -5.86 20.53 5.56
C TRP A 355 -5.94 20.34 7.06
N ARG A 356 -5.10 19.45 7.56
CA ARG A 356 -5.05 19.14 8.97
C ARG A 356 -3.59 19.31 9.35
N GLY A 357 -3.06 20.49 9.00
CA GLY A 357 -1.67 20.78 9.30
C GLY A 357 -1.44 21.04 10.77
N GLY A 358 -0.27 21.56 11.09
CA GLY A 358 0.07 21.86 12.46
C GLY A 358 1.56 22.08 12.53
N GLU A 359 2.08 22.30 13.73
CA GLU A 359 3.51 22.51 13.89
C GLU A 359 4.21 21.18 13.71
N VAL A 360 5.52 21.23 13.64
CA VAL A 360 6.25 20.01 13.47
C VAL A 360 7.06 19.76 14.73
N ARG A 361 6.58 18.80 15.53
CA ARG A 361 7.23 18.43 16.76
C ARG A 361 8.73 18.20 16.60
N LYS A 362 9.46 18.36 17.70
CA LYS A 362 10.89 18.15 17.69
C LYS A 362 11.18 16.70 17.31
N GLU A 363 10.42 15.78 17.90
CA GLU A 363 10.58 14.35 17.66
C GLU A 363 10.84 14.04 16.22
N VAL A 364 9.99 14.61 15.39
CA VAL A 364 10.07 14.44 13.94
C VAL A 364 11.37 14.99 13.40
N LYS A 365 11.73 16.20 13.83
CA LYS A 365 12.97 16.79 13.37
C LYS A 365 14.19 16.03 13.89
N ASP A 366 14.04 15.35 15.04
CA ASP A 366 15.15 14.58 15.58
C ASP A 366 15.29 13.30 14.79
N THR A 367 14.15 12.68 14.53
CA THR A 367 14.09 11.44 13.76
C THR A 367 14.81 11.66 12.44
N LEU A 368 14.38 12.70 11.72
CA LEU A 368 14.98 13.03 10.44
C LEU A 368 16.46 13.33 10.55
N GLU A 369 16.82 14.15 11.54
CA GLU A 369 18.22 14.48 11.72
C GLU A 369 19.10 13.23 11.94
N LYS A 370 18.65 12.28 12.78
CA LYS A 370 19.46 11.09 12.97
C LYS A 370 19.50 10.24 11.71
N ALA A 371 18.39 10.22 10.97
CA ALA A 371 18.35 9.47 9.72
C ALA A 371 19.33 10.12 8.75
N LYS A 372 19.44 11.45 8.77
CA LYS A 372 20.37 12.17 7.89
C LYS A 372 21.78 11.75 8.21
N ALA A 373 22.17 11.88 9.47
CA ALA A 373 23.50 11.52 9.92
C ALA A 373 23.89 10.08 9.55
ZN ZN B . -0.95 -0.14 6.91
O1 SHH C . 0.04 -1.61 6.46
O2 SHH C . -2.46 -2.34 7.50
N1 SHH C . -0.31 -2.82 7.07
C1 SHH C . -1.44 -2.88 7.85
C2 SHH C . -1.30 -3.46 9.17
C3 SHH C . -2.08 -4.75 9.37
C4 SHH C . -1.85 -5.32 10.76
C5 SHH C . -2.92 -4.79 11.69
C6 SHH C . -3.02 -5.84 12.78
C7 SHH C . -3.59 -5.26 14.05
C8 SHH C . -4.97 -5.82 14.29
O3 SHH C . -5.23 -7.00 14.40
N2 SHH C . -5.89 -4.83 14.39
C9 SHH C . -7.39 -4.84 14.34
C10 SHH C . -8.03 -3.56 14.52
C11 SHH C . -9.50 -3.47 14.50
C12 SHH C . -10.33 -4.61 14.32
C13 SHH C . -9.64 -5.91 14.17
C14 SHH C . -8.18 -6.05 14.16
#